data_7G9J
#
_entry.id   7G9J
#
_cell.length_a   71.004
_cell.length_b   71.004
_cell.length_c   196.598
_cell.angle_alpha   90.000
_cell.angle_beta   90.000
_cell.angle_gamma   90.000
#
_symmetry.space_group_name_H-M   'P 43 21 2'
#
loop_
_entity.id
_entity.type
_entity.pdbx_description
1 polymer 'Transforming protein RhoA'
2 polymer 'Rho guanine nucleotide exchange factor 2'
3 non-polymer 1-(3,4-dihydropyrazin-1(2H)-yl)ethan-1-one
4 non-polymer 'DIMETHYL SULFOXIDE'
5 non-polymer 'FORMIC ACID'
6 water water
#
loop_
_entity_poly.entity_id
_entity_poly.type
_entity_poly.pdbx_seq_one_letter_code
_entity_poly.pdbx_strand_id
1 'polypeptide(L)'
;SMAAIRKKLVIVGDGACGKTCLLIVFSKDQFPEVYVPTVFENYVADIEVDGKQVELALWDTAGQEDYDRLRPLSYPDTDV
ILMCFSIDSPDSLENIPEKWTPEVKHFCPNVPIILVGNKKDLRNDEHTRRELAKMKQEPVKPEEGRDMANRIGAFGYMEC
SAKTKDGVREVFEMATRAALQARRG
;
A
2 'polypeptide(L)'
;SMEMDEKDFAADSWSLAVDSSFLQQHKKEVMKQQDVIYELIQTELHHVRTLKIMTRLFRTGMLEELHLEPGVVQGLFPCV
DELSDIHTRFLSQLLERRRQALCPGSTRNFVIHRLGDLLISQFSGPSAEQMCKTYSEFCSRHSKALKLYKELYARDKRFQ
QFIRKVTRPAVLKRHGVQECILLVTQRITKYPLLISRILQHSHGIEEERQDLTTALGLVKELLSNVDEGIYQLEKGARLQ
EIYNR
;
B
#
# COMPACT_ATOMS: atom_id res chain seq x y z
N ALA A 4 -4.10 -18.62 -17.16
CA ALA A 4 -3.34 -17.81 -16.20
C ALA A 4 -3.87 -17.91 -14.78
N ILE A 5 -3.20 -18.71 -13.96
CA ILE A 5 -3.57 -18.89 -12.58
C ILE A 5 -3.23 -17.62 -11.79
N ARG A 6 -3.96 -17.36 -10.70
CA ARG A 6 -3.72 -16.19 -9.87
C ARG A 6 -2.88 -16.57 -8.63
N LYS A 7 -1.76 -15.87 -8.40
CA LYS A 7 -0.89 -16.10 -7.25
C LYS A 7 -0.64 -14.80 -6.50
N LYS A 8 -0.46 -14.86 -5.17
CA LYS A 8 -0.25 -13.64 -4.37
C LYS A 8 1.16 -13.57 -3.78
N LEU A 9 1.83 -12.44 -3.95
CA LEU A 9 3.16 -12.22 -3.41
C LEU A 9 3.10 -11.09 -2.37
N VAL A 10 3.76 -11.25 -1.21
CA VAL A 10 3.86 -10.19 -0.21
C VAL A 10 5.32 -9.95 0.13
N ILE A 11 5.75 -8.68 0.13
CA ILE A 11 7.12 -8.32 0.48
CA ILE A 11 7.12 -8.32 0.49
C ILE A 11 7.18 -7.82 1.93
N VAL A 12 8.04 -8.44 2.73
CA VAL A 12 8.22 -8.09 4.14
CA VAL A 12 8.23 -8.18 4.15
C VAL A 12 9.68 -7.69 4.41
N GLY A 13 9.92 -7.05 5.55
CA GLY A 13 11.26 -6.56 5.92
C GLY A 13 11.22 -5.22 6.63
N ASP A 14 12.33 -4.80 7.26
CA ASP A 14 12.35 -3.54 8.02
C ASP A 14 12.14 -2.31 7.15
N GLY A 15 11.71 -1.20 7.77
CA GLY A 15 11.54 0.08 7.08
C GLY A 15 12.86 0.54 6.48
N ALA A 16 12.80 1.12 5.25
CA ALA A 16 13.95 1.56 4.46
C ALA A 16 14.80 0.40 3.89
N CYS A 17 14.34 -0.88 3.97
CA CYS A 17 15.08 -1.99 3.34
C CYS A 17 14.93 -2.06 1.81
N GLY A 18 14.31 -1.03 1.19
CA GLY A 18 14.11 -0.92 -0.25
C GLY A 18 12.98 -1.73 -0.85
N LYS A 19 12.02 -2.20 -0.03
CA LYS A 19 10.93 -3.02 -0.55
C LYS A 19 9.90 -2.25 -1.41
N THR A 20 9.63 -0.95 -1.14
CA THR A 20 8.71 -0.18 -1.97
C THR A 20 9.38 0.10 -3.30
N CYS A 21 10.65 0.52 -3.27
CA CYS A 21 11.41 0.76 -4.50
C CYS A 21 11.47 -0.49 -5.40
N LEU A 22 11.69 -1.68 -4.80
CA LEU A 22 11.76 -2.94 -5.55
C LEU A 22 10.43 -3.23 -6.32
N LEU A 23 9.26 -3.07 -5.64
CA LEU A 23 7.95 -3.26 -6.26
C LEU A 23 7.70 -2.25 -7.38
N ILE A 24 8.14 -0.99 -7.18
CA ILE A 24 7.95 0.08 -8.15
C ILE A 24 8.75 -0.18 -9.41
N VAL A 25 10.05 -0.47 -9.29
CA VAL A 25 10.91 -0.69 -10.43
C VAL A 25 10.47 -1.94 -11.26
N PHE A 26 9.93 -2.96 -10.60
CA PHE A 26 9.45 -4.15 -11.31
C PHE A 26 8.13 -3.85 -12.01
N SER A 27 7.17 -3.20 -11.31
CA SER A 27 5.88 -2.93 -11.90
C SER A 27 5.91 -1.82 -12.98
N LYS A 28 6.77 -0.80 -12.82
CA LYS A 28 6.86 0.28 -13.82
C LYS A 28 7.56 -0.14 -15.10
N ASP A 29 6.95 0.17 -16.23
CA ASP A 29 7.47 -0.15 -17.56
C ASP A 29 8.76 0.62 -17.84
N GLN A 30 8.79 1.91 -17.47
CA GLN A 30 9.94 2.77 -17.66
C GLN A 30 10.50 3.15 -16.29
N PHE A 31 11.83 3.17 -16.14
CA PHE A 31 12.47 3.56 -14.88
C PHE A 31 12.03 4.98 -14.43
N PRO A 32 11.66 5.16 -13.14
CA PRO A 32 11.24 6.50 -12.69
C PRO A 32 12.39 7.49 -12.64
N GLU A 33 12.58 8.25 -13.73
CA GLU A 33 13.67 9.22 -13.83
C GLU A 33 13.31 10.60 -13.27
N VAL A 34 12.02 10.90 -13.14
CA VAL A 34 11.52 12.19 -12.70
C VAL A 34 11.06 12.16 -11.24
N TYR A 35 10.30 11.13 -10.83
CA TYR A 35 9.82 11.05 -9.46
C TYR A 35 9.65 9.63 -8.99
N VAL A 36 10.15 9.31 -7.78
CA VAL A 36 9.98 7.98 -7.23
C VAL A 36 8.82 8.06 -6.25
N PRO A 37 7.72 7.35 -6.53
CA PRO A 37 6.57 7.40 -5.61
C PRO A 37 6.92 6.97 -4.17
N THR A 38 6.30 7.62 -3.19
CA THR A 38 6.46 7.36 -1.75
C THR A 38 5.86 5.99 -1.40
N VAL A 39 4.70 5.69 -1.97
CA VAL A 39 3.98 4.48 -1.64
C VAL A 39 3.61 3.66 -2.88
N PHE A 40 3.24 2.41 -2.65
CA PHE A 40 2.81 1.47 -3.68
C PHE A 40 1.44 0.97 -3.24
N GLU A 41 0.49 0.94 -4.16
CA GLU A 41 -0.87 0.49 -3.83
C GLU A 41 -0.95 -1.02 -3.96
N ASN A 42 -1.03 -1.53 -5.18
CA ASN A 42 -0.96 -2.95 -5.53
C ASN A 42 -0.66 -3.01 -7.05
N TYR A 43 -0.45 -4.19 -7.57
CA TYR A 43 -0.20 -4.37 -8.99
C TYR A 43 -0.45 -5.83 -9.33
N VAL A 44 -0.96 -6.13 -10.53
CA VAL A 44 -1.14 -7.51 -10.97
C VAL A 44 -0.23 -7.74 -12.17
N ALA A 45 0.89 -8.39 -11.95
CA ALA A 45 1.88 -8.66 -13.02
C ALA A 45 1.49 -9.84 -13.88
N ASP A 46 1.67 -9.72 -15.20
CA ASP A 46 1.44 -10.81 -16.15
C ASP A 46 2.82 -11.39 -16.36
N ILE A 47 3.06 -12.61 -15.85
CA ILE A 47 4.38 -13.22 -15.91
CA ILE A 47 4.38 -13.20 -15.97
C ILE A 47 4.35 -14.58 -16.61
N GLU A 48 5.27 -14.84 -17.53
CA GLU A 48 5.36 -16.14 -18.18
CA GLU A 48 5.37 -16.16 -18.16
C GLU A 48 6.69 -16.77 -17.71
N VAL A 49 6.64 -17.82 -16.88
CA VAL A 49 7.87 -18.44 -16.38
C VAL A 49 7.88 -19.95 -16.66
N ASP A 50 8.95 -20.42 -17.33
CA ASP A 50 9.13 -21.83 -17.71
C ASP A 50 7.93 -22.37 -18.51
N GLY A 51 7.32 -21.53 -19.32
CA GLY A 51 6.17 -21.91 -20.14
C GLY A 51 4.82 -21.71 -19.49
N LYS A 52 4.77 -21.30 -18.21
CA LYS A 52 3.51 -21.11 -17.51
C LYS A 52 3.12 -19.64 -17.36
N GLN A 53 1.86 -19.32 -17.71
CA GLN A 53 1.36 -17.96 -17.58
CA GLN A 53 1.34 -17.96 -17.60
C GLN A 53 0.71 -17.78 -16.23
N VAL A 54 1.12 -16.73 -15.47
CA VAL A 54 0.61 -16.45 -14.12
C VAL A 54 0.25 -14.97 -13.95
N GLU A 55 -0.82 -14.68 -13.21
CA GLU A 55 -1.15 -13.33 -12.79
C GLU A 55 -0.56 -13.26 -11.36
N LEU A 56 0.49 -12.47 -11.14
CA LEU A 56 1.10 -12.34 -9.83
C LEU A 56 0.70 -11.00 -9.15
N ALA A 57 -0.11 -11.07 -8.08
CA ALA A 57 -0.56 -9.85 -7.39
C ALA A 57 0.52 -9.46 -6.39
N LEU A 58 1.00 -8.23 -6.48
CA LEU A 58 2.10 -7.73 -5.67
C LEU A 58 1.57 -6.85 -4.54
N TRP A 59 2.02 -7.12 -3.31
CA TRP A 59 1.59 -6.36 -2.14
C TRP A 59 2.79 -5.99 -1.30
N ASP A 60 2.72 -4.83 -0.68
CA ASP A 60 3.77 -4.27 0.19
C ASP A 60 3.26 -4.23 1.65
N THR A 61 4.19 -4.25 2.61
CA THR A 61 3.88 -4.09 4.04
C THR A 61 4.47 -2.78 4.62
N ALA A 62 5.06 -1.93 3.77
CA ALA A 62 5.65 -0.65 4.17
C ALA A 62 4.58 0.21 4.80
N GLY A 63 4.88 0.72 5.98
CA GLY A 63 3.95 1.51 6.76
C GLY A 63 3.32 0.73 7.89
N GLN A 64 3.35 -0.61 7.81
CA GLN A 64 2.74 -1.52 8.78
C GLN A 64 3.71 -2.07 9.82
N GLU A 65 5.01 -1.79 9.72
CA GLU A 65 6.04 -2.31 10.62
C GLU A 65 5.81 -2.03 12.12
N ASP A 66 5.18 -0.91 12.52
CA ASP A 66 4.92 -0.66 13.95
C ASP A 66 3.52 -1.11 14.39
N TYR A 67 2.70 -1.65 13.48
CA TYR A 67 1.31 -2.01 13.83
C TYR A 67 1.10 -3.50 13.72
N ASP A 68 1.32 -4.20 14.86
CA ASP A 68 1.30 -5.65 14.97
C ASP A 68 -0.06 -6.31 14.80
N ARG A 69 -1.15 -5.57 14.88
CA ARG A 69 -2.49 -6.11 14.67
C ARG A 69 -3.03 -5.76 13.27
N LEU A 70 -2.54 -4.69 12.64
CA LEU A 70 -2.94 -4.31 11.29
C LEU A 70 -2.14 -5.15 10.26
N ARG A 71 -0.80 -5.24 10.46
CA ARG A 71 0.13 -5.93 9.57
C ARG A 71 -0.28 -7.34 9.13
N PRO A 72 -0.72 -8.26 10.04
CA PRO A 72 -1.07 -9.61 9.60
C PRO A 72 -2.25 -9.67 8.63
N LEU A 73 -3.05 -8.58 8.50
CA LEU A 73 -4.15 -8.51 7.52
C LEU A 73 -3.65 -8.55 6.09
N SER A 74 -2.35 -8.33 5.86
CA SER A 74 -1.75 -8.42 4.53
C SER A 74 -1.44 -9.87 4.14
N TYR A 75 -1.42 -10.82 5.11
CA TYR A 75 -1.01 -12.21 4.87
C TYR A 75 -2.02 -13.20 4.30
N PRO A 76 -3.36 -13.09 4.50
CA PRO A 76 -4.27 -14.12 3.97
C PRO A 76 -4.02 -14.52 2.50
N ASP A 77 -3.97 -15.82 2.27
CA ASP A 77 -3.80 -16.49 0.99
C ASP A 77 -2.52 -16.12 0.23
N THR A 78 -1.44 -15.78 0.94
CA THR A 78 -0.17 -15.50 0.30
C THR A 78 0.40 -16.82 -0.28
N ASP A 79 0.90 -16.77 -1.52
CA ASP A 79 1.50 -17.93 -2.20
C ASP A 79 3.04 -17.87 -2.12
N VAL A 80 3.63 -16.66 -2.02
CA VAL A 80 5.09 -16.52 -1.88
C VAL A 80 5.46 -15.27 -1.07
N ILE A 81 6.44 -15.41 -0.15
CA ILE A 81 6.90 -14.28 0.64
C ILE A 81 8.31 -13.84 0.17
N LEU A 82 8.53 -12.55 -0.13
CA LEU A 82 9.87 -12.05 -0.39
C LEU A 82 10.27 -11.40 0.95
N MET A 83 11.28 -11.93 1.60
CA MET A 83 11.77 -11.41 2.87
CA MET A 83 11.77 -11.41 2.86
C MET A 83 13.01 -10.59 2.57
N CYS A 84 12.89 -9.26 2.69
CA CYS A 84 13.98 -8.35 2.36
C CYS A 84 14.79 -7.85 3.51
N PHE A 85 16.07 -7.63 3.21
CA PHE A 85 17.00 -6.90 4.05
C PHE A 85 17.82 -6.01 3.12
N SER A 86 18.50 -5.03 3.70
CA SER A 86 19.35 -4.15 2.93
C SER A 86 20.81 -4.54 3.11
N ILE A 87 21.59 -4.63 2.02
CA ILE A 87 23.00 -5.01 2.11
C ILE A 87 23.87 -3.91 2.81
N ASP A 88 23.46 -2.63 2.76
CA ASP A 88 24.16 -1.56 3.51
C ASP A 88 23.70 -1.52 4.99
N SER A 89 22.91 -2.51 5.45
CA SER A 89 22.38 -2.50 6.81
C SER A 89 22.46 -3.88 7.50
N PRO A 90 23.63 -4.26 8.08
CA PRO A 90 23.70 -5.56 8.79
C PRO A 90 22.66 -5.72 9.90
N ASP A 91 22.19 -4.60 10.52
CA ASP A 91 21.14 -4.60 11.53
C ASP A 91 19.82 -5.15 10.94
N SER A 92 19.49 -4.83 9.68
CA SER A 92 18.28 -5.36 9.05
C SER A 92 18.36 -6.90 8.80
N LEU A 93 19.59 -7.46 8.65
CA LEU A 93 19.79 -8.90 8.47
C LEU A 93 19.60 -9.63 9.83
N GLU A 94 20.10 -9.01 10.91
CA GLU A 94 19.95 -9.53 12.26
C GLU A 94 18.46 -9.65 12.69
N ASN A 95 17.57 -8.77 12.20
CA ASN A 95 16.15 -8.83 12.55
C ASN A 95 15.35 -9.92 11.79
N ILE A 96 15.96 -10.52 10.76
CA ILE A 96 15.33 -11.57 9.97
C ILE A 96 14.95 -12.83 10.81
N PRO A 97 15.88 -13.50 11.53
CA PRO A 97 15.50 -14.74 12.23
C PRO A 97 14.66 -14.58 13.50
N GLU A 98 14.74 -13.44 14.20
CA GLU A 98 14.00 -13.28 15.45
C GLU A 98 12.68 -12.54 15.33
N LYS A 99 12.55 -11.66 14.33
CA LYS A 99 11.31 -10.91 14.19
C LYS A 99 10.46 -11.37 13.00
N TRP A 100 10.95 -11.23 11.78
CA TRP A 100 10.17 -11.55 10.58
C TRP A 100 9.90 -13.05 10.34
N THR A 101 10.90 -13.90 10.51
CA THR A 101 10.74 -15.34 10.29
C THR A 101 9.69 -15.98 11.22
N PRO A 102 9.69 -15.76 12.56
CA PRO A 102 8.61 -16.34 13.39
C PRO A 102 7.21 -15.83 13.03
N GLU A 103 7.10 -14.58 12.59
CA GLU A 103 5.81 -13.99 12.22
C GLU A 103 5.28 -14.63 10.91
N VAL A 104 6.14 -14.72 9.90
CA VAL A 104 5.79 -15.28 8.60
C VAL A 104 5.48 -16.80 8.72
N LYS A 105 6.19 -17.55 9.57
CA LYS A 105 5.92 -18.97 9.72
C LYS A 105 4.63 -19.25 10.49
N HIS A 106 4.23 -18.33 11.39
CA HIS A 106 2.97 -18.43 12.15
C HIS A 106 1.75 -18.13 11.25
N PHE A 107 1.78 -17.01 10.51
CA PHE A 107 0.64 -16.60 9.69
C PHE A 107 0.59 -17.23 8.30
N CYS A 108 1.77 -17.62 7.76
CA CYS A 108 1.87 -18.24 6.43
C CYS A 108 2.60 -19.59 6.52
N PRO A 109 2.03 -20.59 7.22
CA PRO A 109 2.72 -21.89 7.32
C PRO A 109 2.82 -22.54 5.94
N ASN A 110 3.98 -23.14 5.65
CA ASN A 110 4.21 -23.84 4.40
C ASN A 110 4.34 -22.93 3.16
N VAL A 111 4.42 -21.60 3.35
CA VAL A 111 4.55 -20.69 2.22
C VAL A 111 6.04 -20.50 1.97
N PRO A 112 6.53 -20.72 0.73
CA PRO A 112 7.97 -20.55 0.48
C PRO A 112 8.43 -19.11 0.74
N ILE A 113 9.61 -18.96 1.36
CA ILE A 113 10.16 -17.64 1.62
C ILE A 113 11.42 -17.48 0.78
N ILE A 114 11.55 -16.38 0.02
CA ILE A 114 12.79 -16.12 -0.70
C ILE A 114 13.47 -14.97 0.07
N LEU A 115 14.68 -15.20 0.59
CA LEU A 115 15.40 -14.14 1.29
C LEU A 115 16.09 -13.33 0.22
N VAL A 116 15.87 -12.02 0.21
CA VAL A 116 16.39 -11.12 -0.81
C VAL A 116 17.25 -10.02 -0.23
N GLY A 117 18.51 -9.98 -0.69
CA GLY A 117 19.43 -8.93 -0.31
C GLY A 117 19.28 -7.77 -1.28
N ASN A 118 18.66 -6.66 -0.82
CA ASN A 118 18.44 -5.48 -1.64
C ASN A 118 19.66 -4.55 -1.63
N LYS A 119 19.70 -3.60 -2.59
CA LYS A 119 20.72 -2.57 -2.69
C LYS A 119 22.15 -3.11 -2.80
N LYS A 120 22.34 -4.12 -3.64
CA LYS A 120 23.67 -4.75 -3.78
C LYS A 120 24.74 -3.81 -4.36
N ASP A 121 24.32 -2.72 -5.01
CA ASP A 121 25.18 -1.67 -5.56
C ASP A 121 25.98 -0.96 -4.44
N LEU A 122 25.40 -0.86 -3.23
CA LEU A 122 26.07 -0.21 -2.09
C LEU A 122 27.22 -1.04 -1.48
N ARG A 123 27.43 -2.27 -1.94
CA ARG A 123 28.53 -3.14 -1.48
C ARG A 123 29.89 -2.58 -1.88
N ASN A 124 29.96 -1.83 -2.99
CA ASN A 124 31.19 -1.20 -3.42
C ASN A 124 30.99 0.33 -3.55
N ASP A 125 30.24 0.93 -2.61
CA ASP A 125 30.01 2.36 -2.52
C ASP A 125 30.91 2.89 -1.39
N GLU A 126 31.62 4.02 -1.62
CA GLU A 126 32.57 4.52 -0.63
C GLU A 126 31.90 5.19 0.56
N HIS A 127 30.82 5.94 0.34
CA HIS A 127 30.09 6.57 1.44
C HIS A 127 29.48 5.50 2.36
N THR A 128 28.97 4.40 1.77
CA THR A 128 28.39 3.32 2.53
C THR A 128 29.46 2.67 3.41
N ARG A 129 30.60 2.30 2.81
CA ARG A 129 31.69 1.67 3.55
C ARG A 129 32.25 2.56 4.65
N ARG A 130 32.37 3.88 4.41
CA ARG A 130 32.88 4.79 5.43
C ARG A 130 31.91 4.92 6.59
N GLU A 131 30.61 5.08 6.31
CA GLU A 131 29.60 5.24 7.36
C GLU A 131 29.46 3.99 8.22
N LEU A 132 29.55 2.81 7.61
CA LEU A 132 29.45 1.55 8.35
C LEU A 132 30.69 1.33 9.21
N ALA A 133 31.87 1.74 8.72
CA ALA A 133 33.12 1.60 9.47
C ALA A 133 33.10 2.45 10.76
N LYS A 134 32.35 3.58 10.77
CA LYS A 134 32.22 4.40 11.98
C LYS A 134 31.41 3.71 13.11
N MET A 135 30.84 2.52 12.84
CA MET A 135 30.05 1.72 13.78
C MET A 135 30.61 0.29 13.92
N LYS A 136 31.89 0.06 13.53
CA LYS A 136 32.56 -1.24 13.54
C LYS A 136 31.86 -2.25 12.61
N GLN A 137 31.27 -1.76 11.49
CA GLN A 137 30.53 -2.62 10.55
C GLN A 137 31.00 -2.55 9.08
N GLU A 138 30.50 -3.45 8.25
CA GLU A 138 30.77 -3.49 6.82
C GLU A 138 29.52 -3.99 6.05
N PRO A 139 29.40 -3.76 4.73
CA PRO A 139 28.22 -4.27 3.99
C PRO A 139 28.08 -5.79 4.12
N VAL A 140 26.83 -6.28 4.12
CA VAL A 140 26.56 -7.71 4.24
C VAL A 140 27.22 -8.51 3.11
N LYS A 141 28.04 -9.49 3.45
CA LYS A 141 28.74 -10.32 2.47
C LYS A 141 27.78 -11.37 1.86
N PRO A 142 28.03 -11.82 0.61
CA PRO A 142 27.14 -12.83 0.00
C PRO A 142 26.93 -14.10 0.83
N GLU A 143 27.98 -14.57 1.52
CA GLU A 143 27.91 -15.78 2.33
C GLU A 143 27.10 -15.56 3.61
N GLU A 144 27.07 -14.34 4.15
CA GLU A 144 26.24 -14.04 5.33
C GLU A 144 24.75 -14.06 4.94
N GLY A 145 24.42 -13.62 3.73
CA GLY A 145 23.07 -13.70 3.18
C GLY A 145 22.64 -15.14 2.95
N ARG A 146 23.50 -15.95 2.28
CA ARG A 146 23.21 -17.37 2.05
C ARG A 146 23.11 -18.15 3.38
N ASP A 147 24.04 -17.93 4.36
CA ASP A 147 23.97 -18.63 5.65
C ASP A 147 22.67 -18.31 6.40
N MET A 148 22.21 -17.05 6.37
CA MET A 148 20.93 -16.68 6.99
C MET A 148 19.76 -17.37 6.27
N ALA A 149 19.73 -17.34 4.93
CA ALA A 149 18.68 -18.01 4.15
C ALA A 149 18.64 -19.53 4.48
N ASN A 150 19.82 -20.15 4.61
CA ASN A 150 19.95 -21.55 4.97
C ASN A 150 19.37 -21.80 6.38
N ARG A 151 19.80 -20.98 7.35
CA ARG A 151 19.38 -21.07 8.74
C ARG A 151 17.85 -20.90 8.95
N ILE A 152 17.20 -19.94 8.28
CA ILE A 152 15.77 -19.71 8.46
C ILE A 152 14.87 -20.70 7.65
N GLY A 153 15.47 -21.59 6.86
CA GLY A 153 14.71 -22.54 6.05
C GLY A 153 14.11 -21.91 4.81
N ALA A 154 14.76 -20.86 4.26
CA ALA A 154 14.31 -20.22 3.05
C ALA A 154 14.39 -21.15 1.86
N PHE A 155 13.45 -20.96 0.94
CA PHE A 155 13.37 -21.64 -0.35
C PHE A 155 14.66 -21.37 -1.17
N GLY A 156 15.18 -20.13 -1.07
CA GLY A 156 16.42 -19.71 -1.71
C GLY A 156 16.87 -18.31 -1.30
N TYR A 157 18.08 -17.92 -1.75
CA TYR A 157 18.71 -16.65 -1.50
C TYR A 157 18.95 -15.97 -2.84
N MET A 158 18.60 -14.68 -2.92
CA MET A 158 18.77 -13.88 -4.13
C MET A 158 19.21 -12.45 -3.80
N GLU A 159 19.93 -11.79 -4.71
CA GLU A 159 20.32 -10.39 -4.54
C GLU A 159 19.86 -9.54 -5.72
N CYS A 160 19.62 -8.26 -5.47
CA CYS A 160 19.20 -7.37 -6.53
C CYS A 160 19.57 -5.92 -6.22
N SER A 161 19.40 -5.05 -7.21
CA SER A 161 19.60 -3.62 -7.08
C SER A 161 18.44 -2.91 -7.76
N ALA A 162 17.50 -2.33 -7.00
CA ALA A 162 16.41 -1.56 -7.59
C ALA A 162 16.94 -0.30 -8.33
N LYS A 163 18.11 0.24 -7.93
CA LYS A 163 18.68 1.41 -8.59
C LYS A 163 19.21 1.12 -10.01
N THR A 164 19.86 -0.02 -10.22
CA THR A 164 20.39 -0.39 -11.53
C THR A 164 19.50 -1.38 -12.30
N LYS A 165 18.43 -1.92 -11.66
CA LYS A 165 17.50 -2.93 -12.17
C LYS A 165 18.13 -4.34 -12.25
N ASP A 166 19.42 -4.51 -11.88
CA ASP A 166 20.10 -5.79 -11.92
C ASP A 166 19.56 -6.78 -10.92
N GLY A 167 19.12 -7.92 -11.43
CA GLY A 167 18.61 -9.02 -10.62
C GLY A 167 17.15 -8.95 -10.26
N VAL A 168 16.47 -7.85 -10.62
CA VAL A 168 15.06 -7.62 -10.28
C VAL A 168 14.15 -8.60 -10.99
N ARG A 169 14.22 -8.68 -12.33
CA ARG A 169 13.39 -9.61 -13.11
C ARG A 169 13.54 -11.08 -12.61
N GLU A 170 14.79 -11.49 -12.29
CA GLU A 170 15.09 -12.83 -11.80
C GLU A 170 14.41 -13.15 -10.46
N VAL A 171 14.37 -12.19 -9.53
CA VAL A 171 13.69 -12.35 -8.23
C VAL A 171 12.21 -12.70 -8.44
N PHE A 172 11.51 -11.91 -9.29
CA PHE A 172 10.06 -12.06 -9.52
C PHE A 172 9.71 -13.31 -10.35
N GLU A 173 10.58 -13.71 -11.29
CA GLU A 173 10.36 -14.95 -12.01
C GLU A 173 10.56 -16.15 -11.05
N MET A 174 11.57 -16.07 -10.17
CA MET A 174 11.80 -17.16 -9.20
C MET A 174 10.65 -17.21 -8.17
N ALA A 175 10.14 -16.05 -7.75
CA ALA A 175 8.99 -16.00 -6.82
C ALA A 175 7.75 -16.66 -7.45
N THR A 176 7.58 -16.50 -8.77
CA THR A 176 6.46 -17.09 -9.49
C THR A 176 6.63 -18.59 -9.50
N ARG A 177 7.85 -19.09 -9.79
CA ARG A 177 8.13 -20.52 -9.76
C ARG A 177 7.84 -21.10 -8.35
N ALA A 178 8.29 -20.41 -7.29
CA ALA A 178 8.07 -20.86 -5.92
C ALA A 178 6.57 -20.93 -5.56
N ALA A 179 5.79 -19.94 -6.01
CA ALA A 179 4.34 -19.89 -5.78
C ALA A 179 3.62 -21.05 -6.49
N LEU A 180 4.14 -21.51 -7.63
CA LEU A 180 3.56 -22.63 -8.36
C LEU A 180 3.78 -23.99 -7.67
N GLN A 181 4.86 -24.16 -6.90
CA GLN A 181 5.09 -25.44 -6.19
C GLN A 181 4.14 -25.52 -4.99
N SER B 1 -14.38 7.40 -10.73
CA SER B 1 -13.78 8.73 -10.77
CA SER B 1 -13.86 8.75 -10.73
C SER B 1 -14.39 9.56 -11.91
N MET B 2 -14.27 10.90 -11.84
CA MET B 2 -14.77 11.76 -12.89
C MET B 2 -13.65 12.23 -13.78
N GLU B 3 -13.89 12.29 -15.10
CA GLU B 3 -12.91 12.67 -16.12
C GLU B 3 -12.04 13.89 -15.75
N MET B 4 -12.69 14.96 -15.24
CA MET B 4 -12.02 16.18 -14.83
CA MET B 4 -12.02 16.19 -14.82
C MET B 4 -10.87 15.91 -13.84
N ASP B 5 -11.16 15.17 -12.74
CA ASP B 5 -10.14 14.85 -11.76
C ASP B 5 -9.12 13.82 -12.30
N GLU B 6 -9.57 12.86 -13.13
CA GLU B 6 -8.67 11.86 -13.73
C GLU B 6 -7.63 12.53 -14.63
N LYS B 7 -8.01 13.54 -15.43
CA LYS B 7 -7.04 14.22 -16.29
C LYS B 7 -6.11 15.10 -15.46
N ASP B 8 -6.65 15.77 -14.43
CA ASP B 8 -5.84 16.58 -13.54
C ASP B 8 -4.76 15.76 -12.80
N PHE B 9 -5.00 14.44 -12.62
CA PHE B 9 -4.08 13.53 -11.93
C PHE B 9 -3.57 12.38 -12.82
N ALA B 10 -3.54 12.57 -14.13
CA ALA B 10 -3.08 11.55 -15.07
C ALA B 10 -1.54 11.43 -15.11
N ALA B 11 -0.82 12.55 -14.92
CA ALA B 11 0.63 12.58 -14.98
C ALA B 11 1.27 11.83 -13.80
N ASP B 12 2.51 11.34 -13.99
CA ASP B 12 3.25 10.60 -12.96
C ASP B 12 3.73 11.50 -11.81
N SER B 13 3.74 12.83 -11.98
CA SER B 13 4.17 13.75 -10.92
C SER B 13 3.58 15.17 -11.10
N TRP B 14 3.73 16.04 -10.09
CA TRP B 14 3.32 17.44 -10.18
C TRP B 14 4.18 18.13 -11.26
N SER B 15 5.51 17.83 -11.31
CA SER B 15 6.41 18.44 -12.29
CA SER B 15 6.42 18.43 -12.30
C SER B 15 5.99 18.16 -13.73
N LEU B 16 5.34 17.00 -13.97
CA LEU B 16 4.83 16.61 -15.28
C LEU B 16 3.35 17.08 -15.49
N ALA B 17 2.59 17.34 -14.41
CA ALA B 17 1.20 17.81 -14.55
C ALA B 17 1.13 19.29 -14.94
N VAL B 18 1.97 20.15 -14.34
CA VAL B 18 1.96 21.58 -14.67
C VAL B 18 2.64 21.84 -16.03
N ASP B 19 2.39 23.02 -16.63
CA ASP B 19 3.06 23.46 -17.86
C ASP B 19 4.56 23.62 -17.54
N SER B 20 5.47 23.27 -18.47
CA SER B 20 6.91 23.38 -18.20
C SER B 20 7.37 24.84 -17.99
N SER B 21 6.69 25.83 -18.61
CA SER B 21 7.04 27.24 -18.37
C SER B 21 6.64 27.69 -16.95
N PHE B 22 5.67 27.02 -16.32
CA PHE B 22 5.27 27.32 -14.97
C PHE B 22 6.24 26.62 -14.00
N LEU B 23 6.64 25.37 -14.32
CA LEU B 23 7.59 24.58 -13.54
C LEU B 23 8.92 25.33 -13.40
N GLN B 24 9.40 25.91 -14.52
CA GLN B 24 10.67 26.64 -14.58
C GLN B 24 10.75 27.86 -13.66
N GLN B 25 9.61 28.42 -13.29
CA GLN B 25 9.58 29.57 -12.39
C GLN B 25 9.70 29.19 -10.91
N HIS B 26 9.84 27.90 -10.56
CA HIS B 26 9.87 27.49 -9.16
C HIS B 26 11.17 26.88 -8.70
N LYS B 27 11.45 27.01 -7.39
CA LYS B 27 12.67 26.41 -6.81
C LYS B 27 12.49 24.89 -6.75
N LYS B 28 13.60 24.15 -6.77
CA LYS B 28 13.59 22.68 -6.72
C LYS B 28 12.89 22.19 -5.45
N GLU B 29 13.10 22.89 -4.31
CA GLU B 29 12.51 22.53 -3.03
C GLU B 29 10.98 22.58 -3.07
N VAL B 30 10.44 23.58 -3.77
CA VAL B 30 9.00 23.73 -3.96
C VAL B 30 8.48 22.57 -4.84
N MET B 31 9.18 22.27 -5.96
CA MET B 31 8.83 21.19 -6.87
C MET B 31 8.76 19.85 -6.11
N LYS B 32 9.77 19.58 -5.26
CA LYS B 32 9.84 18.38 -4.43
C LYS B 32 8.67 18.28 -3.45
N GLN B 33 8.33 19.38 -2.78
CA GLN B 33 7.19 19.43 -1.87
C GLN B 33 5.88 19.13 -2.63
N GLN B 34 5.69 19.81 -3.78
CA GLN B 34 4.49 19.70 -4.60
C GLN B 34 4.30 18.34 -5.22
N ASP B 35 5.39 17.63 -5.53
CA ASP B 35 5.32 16.28 -6.07
C ASP B 35 4.70 15.30 -5.02
N VAL B 36 5.11 15.41 -3.73
CA VAL B 36 4.55 14.54 -2.69
C VAL B 36 3.11 14.94 -2.36
N ILE B 37 2.81 16.27 -2.39
CA ILE B 37 1.42 16.70 -2.18
C ILE B 37 0.50 16.15 -3.28
N TYR B 38 0.96 16.20 -4.55
CA TYR B 38 0.25 15.67 -5.71
C TYR B 38 0.00 14.15 -5.53
N GLU B 39 1.03 13.41 -5.05
CA GLU B 39 0.91 11.97 -4.82
C GLU B 39 -0.13 11.66 -3.73
N LEU B 40 -0.18 12.50 -2.66
CA LEU B 40 -1.19 12.30 -1.62
C LEU B 40 -2.61 12.44 -2.20
N ILE B 41 -2.83 13.46 -3.04
CA ILE B 41 -4.15 13.69 -3.62
C ILE B 41 -4.51 12.63 -4.65
N GLN B 42 -3.56 12.29 -5.53
CA GLN B 42 -3.74 11.25 -6.55
C GLN B 42 -4.09 9.89 -5.91
N THR B 43 -3.43 9.52 -4.79
CA THR B 43 -3.72 8.23 -4.14
C THR B 43 -5.06 8.29 -3.36
N GLU B 44 -5.46 9.49 -2.87
CA GLU B 44 -6.76 9.67 -2.20
C GLU B 44 -7.89 9.54 -3.23
N LEU B 45 -7.69 10.13 -4.43
CA LEU B 45 -8.61 9.98 -5.58
C LEU B 45 -8.77 8.47 -5.94
N HIS B 46 -7.66 7.68 -5.95
CA HIS B 46 -7.68 6.23 -6.27
C HIS B 46 -8.39 5.42 -5.17
N HIS B 47 -8.17 5.81 -3.91
CA HIS B 47 -8.80 5.19 -2.74
C HIS B 47 -10.32 5.36 -2.77
N VAL B 48 -10.80 6.57 -3.04
CA VAL B 48 -12.24 6.90 -3.15
C VAL B 48 -12.82 6.11 -4.31
N ARG B 49 -12.10 6.01 -5.43
CA ARG B 49 -12.52 5.19 -6.56
C ARG B 49 -12.66 3.68 -6.18
N THR B 50 -11.75 3.14 -5.34
CA THR B 50 -11.80 1.73 -4.85
C THR B 50 -13.10 1.49 -4.04
N LEU B 51 -13.44 2.43 -3.13
CA LEU B 51 -14.69 2.41 -2.36
C LEU B 51 -15.96 2.55 -3.25
N LYS B 52 -15.89 3.27 -4.39
CA LYS B 52 -17.05 3.36 -5.31
C LYS B 52 -17.22 2.04 -6.09
N ILE B 53 -16.11 1.34 -6.37
CA ILE B 53 -16.18 0.04 -7.02
C ILE B 53 -16.85 -0.94 -6.02
N MET B 54 -16.49 -0.88 -4.73
CA MET B 54 -17.09 -1.72 -3.70
C MET B 54 -18.60 -1.42 -3.49
N THR B 55 -19.00 -0.13 -3.33
CA THR B 55 -20.42 0.19 -3.12
C THR B 55 -21.30 0.08 -4.39
N ARG B 56 -20.87 0.66 -5.52
CA ARG B 56 -21.69 0.69 -6.73
C ARG B 56 -21.57 -0.52 -7.66
N LEU B 57 -20.35 -1.06 -7.86
CA LEU B 57 -20.18 -2.19 -8.76
C LEU B 57 -20.48 -3.52 -8.05
N PHE B 58 -19.79 -3.80 -6.95
CA PHE B 58 -19.96 -5.05 -6.23
C PHE B 58 -21.21 -5.11 -5.35
N ARG B 59 -21.32 -4.27 -4.32
CA ARG B 59 -22.43 -4.27 -3.35
C ARG B 59 -23.82 -4.10 -3.97
N THR B 60 -24.04 -3.04 -4.73
CA THR B 60 -25.33 -2.76 -5.33
C THR B 60 -25.64 -3.78 -6.44
N GLY B 61 -24.63 -4.24 -7.17
CA GLY B 61 -24.80 -5.23 -8.21
C GLY B 61 -25.26 -6.55 -7.63
N MET B 62 -24.77 -6.91 -6.43
CA MET B 62 -25.19 -8.14 -5.78
C MET B 62 -26.65 -8.03 -5.30
N LEU B 63 -27.01 -6.88 -4.72
CA LEU B 63 -28.37 -6.64 -4.24
C LEU B 63 -29.38 -6.60 -5.37
N GLU B 64 -28.99 -6.09 -6.54
CA GLU B 64 -29.92 -5.96 -7.66
C GLU B 64 -29.96 -7.16 -8.61
N GLU B 65 -28.92 -8.01 -8.65
CA GLU B 65 -28.90 -9.14 -9.59
C GLU B 65 -28.90 -10.51 -8.93
N LEU B 66 -28.60 -10.59 -7.64
CA LEU B 66 -28.56 -11.88 -6.95
C LEU B 66 -29.66 -12.04 -5.90
N HIS B 67 -29.91 -13.30 -5.49
CA HIS B 67 -30.91 -13.63 -4.49
C HIS B 67 -30.27 -13.92 -3.12
N LEU B 68 -29.17 -13.23 -2.79
CA LEU B 68 -28.53 -13.42 -1.48
C LEU B 68 -29.27 -12.61 -0.42
N GLU B 69 -29.08 -12.96 0.85
CA GLU B 69 -29.64 -12.20 1.97
C GLU B 69 -28.95 -10.81 2.07
N PRO B 70 -29.57 -9.78 2.69
CA PRO B 70 -28.87 -8.50 2.84
C PRO B 70 -27.72 -8.57 3.86
N GLY B 71 -27.78 -9.52 4.79
CA GLY B 71 -26.75 -9.73 5.80
C GLY B 71 -25.48 -10.38 5.27
N VAL B 72 -25.60 -11.06 4.12
CA VAL B 72 -24.47 -11.69 3.44
C VAL B 72 -23.65 -10.56 2.77
N VAL B 73 -24.33 -9.64 2.08
CA VAL B 73 -23.73 -8.49 1.41
C VAL B 73 -23.04 -7.58 2.45
N GLN B 74 -23.67 -7.39 3.62
CA GLN B 74 -23.10 -6.59 4.69
C GLN B 74 -21.79 -7.20 5.23
N GLY B 75 -21.75 -8.52 5.30
CA GLY B 75 -20.55 -9.23 5.74
C GLY B 75 -19.43 -9.14 4.72
N LEU B 76 -19.78 -9.05 3.42
CA LEU B 76 -18.82 -8.95 2.33
C LEU B 76 -18.22 -7.53 2.25
N PHE B 77 -19.02 -6.48 2.48
CA PHE B 77 -18.56 -5.09 2.37
C PHE B 77 -18.89 -4.29 3.64
N PRO B 78 -18.25 -4.62 4.78
CA PRO B 78 -18.57 -3.89 6.02
C PRO B 78 -18.15 -2.42 5.99
N CYS B 79 -18.95 -1.51 6.59
CA CYS B 79 -18.67 -0.07 6.72
C CYS B 79 -18.35 0.68 5.42
N VAL B 80 -18.64 0.11 4.25
CA VAL B 80 -18.28 0.75 2.97
CA VAL B 80 -18.25 0.74 3.00
C VAL B 80 -18.96 2.10 2.75
N ASP B 81 -20.22 2.28 3.23
CA ASP B 81 -20.91 3.55 3.10
C ASP B 81 -20.26 4.63 3.98
N GLU B 82 -19.98 4.31 5.25
CA GLU B 82 -19.34 5.23 6.18
CA GLU B 82 -19.35 5.26 6.15
C GLU B 82 -17.95 5.62 5.66
N LEU B 83 -17.16 4.62 5.21
CA LEU B 83 -15.80 4.83 4.68
C LEU B 83 -15.84 5.75 3.46
N SER B 84 -16.78 5.49 2.54
CA SER B 84 -16.94 6.30 1.34
C SER B 84 -17.27 7.76 1.71
N ASP B 85 -18.15 7.99 2.70
CA ASP B 85 -18.48 9.34 3.16
C ASP B 85 -17.29 10.11 3.71
N ILE B 86 -16.50 9.47 4.59
CA ILE B 86 -15.29 10.04 5.21
C ILE B 86 -14.25 10.44 4.15
N HIS B 87 -13.95 9.53 3.21
CA HIS B 87 -12.90 9.77 2.23
C HIS B 87 -13.35 10.67 1.09
N THR B 88 -14.64 10.61 0.68
CA THR B 88 -15.13 11.52 -0.36
C THR B 88 -15.12 12.97 0.18
N ARG B 89 -15.43 13.16 1.46
CA ARG B 89 -15.36 14.47 2.07
C ARG B 89 -13.91 14.98 2.12
N PHE B 90 -12.97 14.13 2.52
CA PHE B 90 -11.57 14.49 2.61
C PHE B 90 -11.02 14.85 1.23
N LEU B 91 -11.31 14.01 0.22
CA LEU B 91 -10.91 14.25 -1.17
C LEU B 91 -11.50 15.61 -1.66
N SER B 92 -12.79 15.89 -1.34
CA SER B 92 -13.42 17.16 -1.73
CA SER B 92 -13.40 17.16 -1.74
C SER B 92 -12.61 18.37 -1.21
N GLN B 93 -12.16 18.32 0.07
CA GLN B 93 -11.36 19.42 0.65
C GLN B 93 -9.98 19.57 -0.04
N LEU B 94 -9.32 18.43 -0.36
CA LEU B 94 -8.01 18.40 -1.02
C LEU B 94 -8.12 19.01 -2.44
N LEU B 95 -9.18 18.63 -3.17
CA LEU B 95 -9.41 19.10 -4.54
C LEU B 95 -9.78 20.56 -4.59
N GLU B 96 -10.47 21.07 -3.55
CA GLU B 96 -10.87 22.47 -3.46
C GLU B 96 -9.65 23.31 -3.13
N ARG B 97 -8.75 22.80 -2.26
CA ARG B 97 -7.51 23.49 -1.92
C ARG B 97 -6.63 23.66 -3.21
N ARG B 98 -6.54 22.62 -4.05
CA ARG B 98 -5.84 22.68 -5.33
C ARG B 98 -6.53 23.68 -6.30
N ARG B 99 -7.87 23.59 -6.44
CA ARG B 99 -8.60 24.47 -7.35
CA ARG B 99 -8.60 24.47 -7.35
C ARG B 99 -8.42 25.94 -6.96
N GLN B 100 -8.51 26.24 -5.65
CA GLN B 100 -8.30 27.59 -5.13
C GLN B 100 -6.89 28.11 -5.45
N ALA B 101 -5.90 27.22 -5.53
CA ALA B 101 -4.50 27.54 -5.79
C ALA B 101 -4.16 27.73 -7.28
N LEU B 102 -5.07 27.37 -8.20
CA LEU B 102 -4.81 27.53 -9.64
C LEU B 102 -4.58 28.98 -10.06
N CYS B 103 -3.72 29.15 -11.03
CA CYS B 103 -3.45 30.44 -11.61
C CYS B 103 -4.65 30.84 -12.47
N PRO B 104 -5.06 32.11 -12.48
CA PRO B 104 -6.12 32.54 -13.42
C PRO B 104 -5.72 32.23 -14.87
N GLY B 105 -6.67 31.73 -15.66
CA GLY B 105 -6.37 31.31 -17.03
C GLY B 105 -5.82 29.91 -17.14
N SER B 106 -5.70 29.17 -16.01
CA SER B 106 -5.15 27.83 -16.02
C SER B 106 -6.02 26.84 -15.29
N THR B 107 -6.10 25.61 -15.81
CA THR B 107 -6.74 24.51 -15.08
C THR B 107 -5.71 23.48 -14.58
N ARG B 108 -4.39 23.77 -14.68
CA ARG B 108 -3.38 22.82 -14.24
C ARG B 108 -2.21 23.41 -13.44
N ASN B 109 -1.92 24.70 -13.58
CA ASN B 109 -0.80 25.33 -12.87
C ASN B 109 -1.23 25.80 -11.49
N PHE B 110 -0.65 25.21 -10.42
CA PHE B 110 -0.99 25.55 -9.03
C PHE B 110 0.19 25.22 -8.08
N VAL B 111 0.19 25.83 -6.88
CA VAL B 111 1.14 25.58 -5.81
C VAL B 111 0.32 25.55 -4.51
N ILE B 112 0.32 24.43 -3.79
CA ILE B 112 -0.36 24.34 -2.50
C ILE B 112 0.66 24.66 -1.41
N HIS B 113 0.54 25.85 -0.80
CA HIS B 113 1.41 26.33 0.27
C HIS B 113 0.91 25.87 1.66
N ARG B 114 -0.40 25.73 1.83
N ARG B 114 -0.41 25.74 1.82
CA ARG B 114 -0.99 25.34 3.10
CA ARG B 114 -1.01 25.34 3.10
C ARG B 114 -1.71 24.00 2.98
C ARG B 114 -1.71 24.01 2.97
N LEU B 115 -1.31 23.04 3.78
N LEU B 115 -1.31 23.04 3.77
CA LEU B 115 -1.91 21.71 3.77
CA LEU B 115 -1.91 21.71 3.77
C LEU B 115 -2.08 21.18 5.20
C LEU B 115 -2.08 21.17 5.20
N GLY B 116 -1.12 21.47 6.06
CA GLY B 116 -1.12 21.03 7.46
C GLY B 116 -2.40 21.30 8.21
N ASP B 117 -3.02 22.48 8.00
CA ASP B 117 -4.29 22.86 8.62
C ASP B 117 -5.43 21.90 8.22
N LEU B 118 -5.46 21.53 6.96
CA LEU B 118 -6.47 20.63 6.43
C LEU B 118 -6.22 19.20 6.99
N LEU B 119 -4.94 18.80 7.12
CA LEU B 119 -4.59 17.50 7.70
C LEU B 119 -4.90 17.44 9.21
N ILE B 120 -4.71 18.55 9.95
CA ILE B 120 -5.05 18.58 11.38
C ILE B 120 -6.58 18.42 11.54
N SER B 121 -7.38 19.12 10.72
CA SER B 121 -8.83 19.04 10.82
CA SER B 121 -8.83 19.05 10.81
C SER B 121 -9.34 17.62 10.57
N GLN B 122 -8.80 16.96 9.54
CA GLN B 122 -9.21 15.61 9.19
C GLN B 122 -8.85 14.60 10.30
N PHE B 123 -7.67 14.73 10.89
CA PHE B 123 -7.19 13.76 11.88
C PHE B 123 -7.33 14.20 13.35
N SER B 124 -8.30 15.07 13.64
CA SER B 124 -8.57 15.50 15.03
C SER B 124 -10.09 15.67 15.26
N GLY B 125 -10.50 15.72 16.52
CA GLY B 125 -11.91 15.91 16.87
C GLY B 125 -12.85 14.84 16.36
N PRO B 126 -14.13 15.20 16.20
CA PRO B 126 -15.12 14.21 15.76
C PRO B 126 -14.77 13.43 14.49
N SER B 127 -14.20 14.08 13.46
CA SER B 127 -13.85 13.35 12.23
C SER B 127 -12.79 12.25 12.48
N ALA B 128 -11.86 12.46 13.44
CA ALA B 128 -10.87 11.44 13.78
C ALA B 128 -11.48 10.30 14.59
N GLU B 129 -12.47 10.63 15.46
CA GLU B 129 -13.14 9.57 16.23
C GLU B 129 -13.94 8.66 15.28
N GLN B 130 -14.55 9.24 14.26
CA GLN B 130 -15.30 8.48 13.30
CA GLN B 130 -15.31 8.54 13.24
C GLN B 130 -14.39 7.62 12.41
N MET B 131 -13.18 8.12 12.01
CA MET B 131 -12.24 7.27 11.24
C MET B 131 -11.76 6.12 12.15
N CYS B 132 -11.45 6.44 13.44
CA CYS B 132 -10.97 5.43 14.40
C CYS B 132 -11.96 4.28 14.62
N LYS B 133 -13.22 4.60 14.87
CA LYS B 133 -14.25 3.61 15.10
C LYS B 133 -14.52 2.82 13.81
N THR B 134 -14.61 3.51 12.67
CA THR B 134 -14.87 2.87 11.39
C THR B 134 -13.73 1.91 10.96
N TYR B 135 -12.46 2.32 11.10
CA TYR B 135 -11.34 1.46 10.73
C TYR B 135 -11.16 0.28 11.72
N SER B 136 -11.45 0.51 13.02
CA SER B 136 -11.36 -0.58 14.01
C SER B 136 -12.40 -1.66 13.66
N GLU B 137 -13.60 -1.23 13.26
CA GLU B 137 -14.68 -2.11 12.87
CA GLU B 137 -14.65 -2.16 12.88
C GLU B 137 -14.30 -2.84 11.55
N PHE B 138 -13.92 -2.06 10.50
CA PHE B 138 -13.56 -2.62 9.20
C PHE B 138 -12.44 -3.68 9.31
N CYS B 139 -11.32 -3.33 9.95
CA CYS B 139 -10.19 -4.23 10.08
C CYS B 139 -10.49 -5.46 10.95
N SER B 140 -11.48 -5.37 11.88
CA SER B 140 -11.88 -6.54 12.69
C SER B 140 -12.81 -7.49 11.91
N ARG B 141 -13.46 -7.00 10.85
CA ARG B 141 -14.38 -7.76 9.99
C ARG B 141 -13.75 -8.19 8.66
N HIS B 142 -12.48 -7.81 8.42
CA HIS B 142 -11.71 -8.06 7.21
C HIS B 142 -11.59 -9.55 6.88
N SER B 143 -11.10 -10.38 7.82
CA SER B 143 -10.92 -11.80 7.59
CA SER B 143 -10.92 -11.80 7.59
C SER B 143 -12.24 -12.49 7.29
N LYS B 144 -13.30 -12.16 8.06
CA LYS B 144 -14.63 -12.73 7.88
C LYS B 144 -15.15 -12.41 6.47
N ALA B 145 -14.92 -11.19 5.99
CA ALA B 145 -15.34 -10.77 4.66
C ALA B 145 -14.66 -11.60 3.57
N LEU B 146 -13.33 -11.86 3.69
CA LEU B 146 -12.58 -12.68 2.73
C LEU B 146 -13.07 -14.14 2.78
N LYS B 147 -13.28 -14.68 3.98
CA LYS B 147 -13.76 -16.06 4.12
C LYS B 147 -15.18 -16.23 3.54
N LEU B 148 -16.05 -15.24 3.76
CA LEU B 148 -17.41 -15.24 3.23
C LEU B 148 -17.40 -15.19 1.69
N TYR B 149 -16.47 -14.39 1.10
CA TYR B 149 -16.31 -14.30 -0.35
C TYR B 149 -15.89 -15.67 -0.94
N LYS B 150 -14.87 -16.30 -0.35
CA LYS B 150 -14.38 -17.59 -0.81
C LYS B 150 -15.45 -18.67 -0.70
N GLU B 151 -16.24 -18.66 0.39
CA GLU B 151 -17.32 -19.63 0.56
CA GLU B 151 -17.32 -19.63 0.56
C GLU B 151 -18.36 -19.48 -0.57
N LEU B 152 -18.80 -18.24 -0.86
CA LEU B 152 -19.78 -17.96 -1.90
C LEU B 152 -19.29 -18.28 -3.34
N TYR B 153 -18.02 -18.00 -3.63
CA TYR B 153 -17.48 -18.23 -4.97
C TYR B 153 -17.41 -19.73 -5.29
N ALA B 154 -16.99 -20.55 -4.32
CA ALA B 154 -16.85 -21.98 -4.54
C ALA B 154 -18.15 -22.79 -4.41
N ARG B 155 -19.19 -22.22 -3.80
CA ARG B 155 -20.45 -22.93 -3.64
CA ARG B 155 -20.47 -22.90 -3.59
C ARG B 155 -21.57 -22.43 -4.55
N ASP B 156 -21.66 -21.10 -4.80
CA ASP B 156 -22.71 -20.53 -5.63
C ASP B 156 -22.29 -20.24 -7.08
N LYS B 157 -22.97 -20.90 -8.04
CA LYS B 157 -22.74 -20.77 -9.48
C LYS B 157 -23.05 -19.36 -9.95
N ARG B 158 -24.21 -18.81 -9.56
CA ARG B 158 -24.63 -17.46 -9.95
C ARG B 158 -23.76 -16.35 -9.34
N PHE B 159 -23.20 -16.57 -8.13
CA PHE B 159 -22.29 -15.60 -7.50
C PHE B 159 -20.97 -15.60 -8.28
N GLN B 160 -20.47 -16.78 -8.63
CA GLN B 160 -19.24 -16.96 -9.39
C GLN B 160 -19.40 -16.31 -10.78
N GLN B 161 -20.56 -16.47 -11.39
CA GLN B 161 -20.94 -15.94 -12.69
C GLN B 161 -20.97 -14.38 -12.64
N PHE B 162 -21.51 -13.81 -11.54
CA PHE B 162 -21.59 -12.37 -11.32
C PHE B 162 -20.17 -11.77 -11.25
N ILE B 163 -19.28 -12.39 -10.45
CA ILE B 163 -17.90 -11.96 -10.28
C ILE B 163 -17.14 -11.95 -11.59
N ARG B 164 -17.15 -13.09 -12.32
CA ARG B 164 -16.46 -13.19 -13.62
C ARG B 164 -16.90 -12.08 -14.60
N LYS B 165 -18.18 -11.77 -14.58
CA LYS B 165 -18.80 -10.75 -15.42
C LYS B 165 -18.37 -9.30 -15.06
N VAL B 166 -18.54 -8.88 -13.81
CA VAL B 166 -18.23 -7.51 -13.41
C VAL B 166 -16.72 -7.23 -13.28
N THR B 167 -15.88 -8.26 -13.10
CA THR B 167 -14.43 -8.04 -12.99
C THR B 167 -13.68 -8.29 -14.32
N ARG B 168 -14.39 -8.62 -15.41
CA ARG B 168 -13.80 -8.88 -16.73
C ARG B 168 -13.10 -7.64 -17.38
N PRO B 169 -13.63 -6.40 -17.26
CA PRO B 169 -12.91 -5.25 -17.84
C PRO B 169 -11.47 -5.10 -17.36
N ALA B 170 -10.56 -4.75 -18.29
CA ALA B 170 -9.15 -4.55 -17.99
C ALA B 170 -8.92 -3.52 -16.88
N VAL B 171 -9.76 -2.47 -16.80
CA VAL B 171 -9.62 -1.46 -15.73
C VAL B 171 -9.81 -2.04 -14.35
N LEU B 172 -10.47 -3.20 -14.22
CA LEU B 172 -10.66 -3.83 -12.92
C LEU B 172 -9.61 -4.89 -12.60
N LYS B 173 -8.49 -4.97 -13.34
CA LYS B 173 -7.46 -6.00 -13.17
C LYS B 173 -6.95 -6.16 -11.73
N ARG B 174 -6.67 -5.05 -11.04
CA ARG B 174 -6.20 -5.11 -9.67
C ARG B 174 -7.29 -4.72 -8.64
N HIS B 175 -8.58 -4.85 -9.02
CA HIS B 175 -9.66 -4.42 -8.15
C HIS B 175 -10.76 -5.46 -7.96
N GLY B 176 -10.38 -6.71 -7.71
CA GLY B 176 -11.35 -7.71 -7.31
C GLY B 176 -11.83 -7.44 -5.89
N VAL B 177 -12.77 -8.24 -5.37
CA VAL B 177 -13.34 -8.09 -4.03
C VAL B 177 -12.29 -8.14 -2.93
N GLN B 178 -11.42 -9.15 -2.95
CA GLN B 178 -10.40 -9.29 -1.91
C GLN B 178 -9.32 -8.22 -2.02
N GLU B 179 -8.99 -7.80 -3.25
CA GLU B 179 -8.01 -6.75 -3.50
C GLU B 179 -8.54 -5.41 -2.96
N CYS B 180 -9.83 -5.10 -3.17
CA CYS B 180 -10.44 -3.87 -2.67
C CYS B 180 -10.39 -3.84 -1.12
N ILE B 181 -10.73 -4.96 -0.46
CA ILE B 181 -10.67 -5.07 1.01
C ILE B 181 -9.24 -4.79 1.57
N LEU B 182 -8.20 -5.39 0.98
CA LEU B 182 -6.82 -5.15 1.47
C LEU B 182 -6.36 -3.72 1.12
N LEU B 183 -6.79 -3.19 -0.04
CA LEU B 183 -6.48 -1.82 -0.47
C LEU B 183 -6.99 -0.82 0.57
N VAL B 184 -8.20 -1.05 1.10
CA VAL B 184 -8.80 -0.15 2.09
C VAL B 184 -8.06 -0.27 3.44
N THR B 185 -7.79 -1.50 3.89
CA THR B 185 -7.07 -1.78 5.14
C THR B 185 -5.66 -1.13 5.13
N GLN B 186 -4.93 -1.26 4.02
CA GLN B 186 -3.60 -0.67 3.90
C GLN B 186 -3.58 0.86 3.75
N ARG B 187 -4.70 1.49 3.33
CA ARG B 187 -4.71 2.95 3.13
C ARG B 187 -4.24 3.76 4.31
N ILE B 188 -4.77 3.46 5.49
CA ILE B 188 -4.47 4.26 6.67
C ILE B 188 -3.00 4.27 7.03
N THR B 189 -2.27 3.21 6.71
CA THR B 189 -0.84 3.15 7.02
C THR B 189 0.02 3.89 5.97
N LYS B 190 -0.55 4.38 4.87
CA LYS B 190 0.20 5.15 3.89
C LYS B 190 0.36 6.63 4.33
N TYR B 191 -0.63 7.16 5.08
CA TYR B 191 -0.67 8.56 5.50
C TYR B 191 0.62 9.04 6.23
N PRO B 192 1.19 8.32 7.22
CA PRO B 192 2.43 8.82 7.86
C PRO B 192 3.62 8.90 6.91
N LEU B 193 3.77 7.95 5.96
CA LEU B 193 4.84 7.96 4.98
C LEU B 193 4.73 9.20 4.05
N LEU B 194 3.52 9.47 3.50
CA LEU B 194 3.25 10.64 2.64
C LEU B 194 3.45 11.97 3.40
N ILE B 195 2.84 12.12 4.58
CA ILE B 195 2.96 13.31 5.41
C ILE B 195 4.42 13.55 5.86
N SER B 196 5.18 12.50 6.23
CA SER B 196 6.58 12.67 6.64
CA SER B 196 6.58 12.67 6.64
C SER B 196 7.42 13.21 5.47
N ARG B 197 7.19 12.69 4.25
CA ARG B 197 7.94 13.13 3.08
C ARG B 197 7.54 14.58 2.67
N ILE B 198 6.25 14.97 2.87
CA ILE B 198 5.83 16.34 2.59
C ILE B 198 6.55 17.27 3.61
N LEU B 199 6.56 16.88 4.90
CA LEU B 199 7.21 17.62 5.99
C LEU B 199 8.71 17.82 5.74
N GLN B 200 9.36 16.82 5.16
CA GLN B 200 10.77 16.87 4.80
C GLN B 200 11.05 18.08 3.84
N HIS B 201 10.08 18.46 2.99
CA HIS B 201 10.27 19.57 2.06
C HIS B 201 9.40 20.80 2.39
N SER B 202 9.02 20.95 3.68
CA SER B 202 8.15 22.05 4.11
C SER B 202 8.74 22.90 5.25
N HIS B 203 10.07 23.05 5.26
CA HIS B 203 10.76 23.81 6.31
C HIS B 203 10.85 25.32 6.06
N GLY B 204 10.50 25.77 4.85
CA GLY B 204 10.54 27.18 4.47
C GLY B 204 9.67 28.07 5.34
N ILE B 205 8.39 27.70 5.54
CA ILE B 205 7.47 28.44 6.39
CA ILE B 205 7.47 28.44 6.38
C ILE B 205 7.33 27.67 7.70
N GLU B 206 7.69 28.29 8.83
CA GLU B 206 7.66 27.61 10.12
C GLU B 206 6.26 27.18 10.57
N GLU B 207 5.20 27.99 10.27
CA GLU B 207 3.82 27.62 10.61
C GLU B 207 3.44 26.29 9.90
N GLU B 208 3.86 26.15 8.65
CA GLU B 208 3.58 24.93 7.88
C GLU B 208 4.35 23.70 8.41
N ARG B 209 5.61 23.87 8.82
CA ARG B 209 6.39 22.77 9.37
C ARG B 209 5.74 22.24 10.68
N GLN B 210 5.24 23.17 11.49
CA GLN B 210 4.58 22.84 12.75
C GLN B 210 3.21 22.20 12.51
N ASP B 211 2.44 22.71 11.52
CA ASP B 211 1.14 22.13 11.21
C ASP B 211 1.29 20.69 10.70
N LEU B 212 2.30 20.44 9.85
CA LEU B 212 2.57 19.09 9.35
C LEU B 212 3.14 18.18 10.45
N THR B 213 3.96 18.73 11.38
CA THR B 213 4.48 17.92 12.49
C THR B 213 3.29 17.52 13.42
N THR B 214 2.33 18.45 13.66
CA THR B 214 1.14 18.14 14.45
C THR B 214 0.29 17.09 13.72
N ALA B 215 0.04 17.29 12.42
CA ALA B 215 -0.73 16.33 11.64
C ALA B 215 -0.10 14.92 11.66
N LEU B 216 1.25 14.81 11.57
CA LEU B 216 1.93 13.50 11.62
C LEU B 216 1.67 12.79 12.96
N GLY B 217 1.73 13.54 14.05
CA GLY B 217 1.48 13.01 15.39
C GLY B 217 0.04 12.53 15.55
N LEU B 218 -0.94 13.27 14.98
CA LEU B 218 -2.35 12.89 15.02
C LEU B 218 -2.63 11.58 14.24
N VAL B 219 -2.07 11.43 13.03
CA VAL B 219 -2.24 10.23 12.22
C VAL B 219 -1.66 9.00 12.97
N LYS B 220 -0.47 9.15 13.58
CA LYS B 220 0.17 8.08 14.32
C LYS B 220 -0.65 7.69 15.56
N GLU B 221 -1.24 8.68 16.27
CA GLU B 221 -2.11 8.40 17.41
C GLU B 221 -3.34 7.62 16.93
N LEU B 222 -3.91 8.01 15.77
CA LEU B 222 -5.07 7.34 15.18
C LEU B 222 -4.76 5.87 14.83
N LEU B 223 -3.62 5.63 14.15
CA LEU B 223 -3.17 4.29 13.77
C LEU B 223 -2.95 3.40 14.97
N SER B 224 -2.36 3.95 16.04
CA SER B 224 -2.11 3.18 17.26
CA SER B 224 -2.11 3.19 17.27
C SER B 224 -3.44 2.77 17.89
N ASN B 225 -4.46 3.68 17.86
CA ASN B 225 -5.77 3.36 18.41
C ASN B 225 -6.54 2.34 17.57
N VAL B 226 -6.45 2.43 16.23
CA VAL B 226 -7.10 1.46 15.35
C VAL B 226 -6.45 0.07 15.59
N ASP B 227 -5.11 0.03 15.70
CA ASP B 227 -4.36 -1.20 15.96
C ASP B 227 -4.79 -1.84 17.28
N GLU B 228 -4.97 -1.03 18.34
CA GLU B 228 -5.39 -1.52 19.64
C GLU B 228 -6.83 -2.02 19.64
N GLY B 229 -7.70 -1.38 18.84
CA GLY B 229 -9.12 -1.71 18.77
C GLY B 229 -9.48 -2.92 17.94
N ILE B 230 -8.49 -3.54 17.28
CA ILE B 230 -8.76 -4.71 16.44
C ILE B 230 -8.86 -6.02 17.21
N TYR B 231 -9.94 -6.76 16.95
CA TYR B 231 -10.16 -8.11 17.43
C TYR B 231 -10.88 -8.81 16.30
N GLN B 232 -10.14 -9.62 15.56
CA GLN B 232 -10.60 -10.32 14.37
C GLN B 232 -11.74 -11.30 14.60
N LEU B 233 -12.89 -11.02 14.01
CA LEU B 233 -14.09 -11.84 14.08
C LEU B 233 -13.92 -13.11 13.22
N GLU B 234 -14.66 -14.16 13.57
CA GLU B 234 -14.66 -15.44 12.84
C GLU B 234 -16.11 -15.84 12.58
N LYS B 235 -16.43 -16.29 11.36
CA LYS B 235 -17.81 -16.72 11.08
C LYS B 235 -18.09 -18.02 11.84
N GLY B 236 -19.12 -18.00 12.68
CA GLY B 236 -19.49 -19.16 13.48
C GLY B 236 -18.54 -19.41 14.64
N ALA B 237 -17.97 -18.34 15.21
CA ALA B 237 -17.08 -18.47 16.35
C ALA B 237 -17.92 -18.68 17.61
N ARG B 238 -17.49 -19.58 18.49
CA ARG B 238 -18.23 -19.85 19.72
C ARG B 238 -17.82 -18.94 20.86
N LEU B 239 -18.74 -18.68 21.80
CA LEU B 239 -18.48 -17.85 22.98
C LEU B 239 -17.25 -18.35 23.75
N GLN B 240 -17.12 -19.68 23.91
CA GLN B 240 -15.97 -20.30 24.59
C GLN B 240 -14.63 -19.91 23.93
N GLU B 241 -14.55 -19.88 22.59
CA GLU B 241 -13.31 -19.49 21.91
C GLU B 241 -12.98 -18.01 22.18
N ILE B 242 -14.01 -17.17 22.20
CA ILE B 242 -13.90 -15.73 22.43
C ILE B 242 -13.43 -15.39 23.86
N TYR B 243 -14.10 -15.93 24.91
CA TYR B 243 -13.72 -15.61 26.28
C TYR B 243 -12.51 -16.39 26.82
N ASN B 244 -11.81 -17.15 25.96
CA ASN B 244 -10.62 -17.89 26.40
C ASN B 244 -9.38 -17.26 25.79
#